data_4ZKS
#
_entry.id   4ZKS
#
_cell.length_a   120.751
_cell.length_b   120.751
_cell.length_c   42.961
_cell.angle_alpha   90.00
_cell.angle_beta   90.00
_cell.angle_gamma   120.00
#
_symmetry.space_group_name_H-M   'H 3'
#
loop_
_entity.id
_entity.type
_entity.pdbx_description
1 polymer 'Urokinase-type plasminogen activator'
2 polymer upain-1-W3A
3 water water
#
loop_
_entity_poly.entity_id
_entity_poly.type
_entity_poly.pdbx_seq_one_letter_code
_entity_poly.pdbx_strand_id
1 'polypeptide(L)'
;IIGGEFTTIENQPWFAAIYRRHRGGSVTYVCGGSLISPCWVISATHCFIDYPKKEDYIVYLGRSRLNSNTQGEMKFEVEN
LILHKDYSADTLAHHNDIALLKIRSKEGRCAQPSRTIQTIALPSMYNDPQFGTSCEITGFGKEQSTDYLYPEQLKMTVVK
LISHRECQQPHYYGSEVTTKMLCAADPQWKTDSCQGDAGGPLVCSLQGRMTLTGIVSWGRGCALKDKPGVYTRVSHFLPW
IRSHTKE
;
U
2 'polypeptide(L)' CSARGLENHAAC P
#
# COMPACT_ATOMS: atom_id res chain seq x y z
N ILE A 1 -9.45 1.91 -5.33
CA ILE A 1 -9.15 3.16 -6.09
C ILE A 1 -10.45 3.77 -6.62
N ILE A 2 -10.74 5.00 -6.20
CA ILE A 2 -11.88 5.80 -6.73
C ILE A 2 -11.47 6.44 -8.06
N GLY A 3 -12.26 6.24 -9.11
CA GLY A 3 -11.93 6.80 -10.41
C GLY A 3 -10.74 6.07 -11.00
N GLY A 4 -9.88 6.77 -11.73
CA GLY A 4 -8.73 6.13 -12.37
C GLY A 4 -9.17 5.11 -13.40
N GLU A 5 -8.38 4.05 -13.58
CA GLU A 5 -8.61 3.13 -14.66
C GLU A 5 -8.21 1.71 -14.26
N PHE A 6 -8.86 0.73 -14.87
CA PHE A 6 -8.48 -0.65 -14.67
C PHE A 6 -7.16 -0.87 -15.34
N THR A 7 -6.42 -1.83 -14.82
CA THR A 7 -5.09 -2.13 -15.32
C THR A 7 -4.82 -3.60 -15.12
N THR A 8 -3.57 -4.01 -15.43
CA THR A 8 -3.10 -5.34 -15.17
C THR A 8 -1.71 -5.28 -14.53
N ILE A 9 -1.30 -6.42 -14.00
CA ILE A 9 -0.07 -6.54 -13.23
C ILE A 9 1.19 -6.16 -14.02
N GLU A 10 1.15 -6.33 -15.34
CA GLU A 10 2.26 -5.87 -16.21
C GLU A 10 2.58 -4.39 -16.03
N ASN A 11 1.57 -3.60 -15.67
CA ASN A 11 1.74 -2.16 -15.46
C ASN A 11 2.15 -1.77 -14.04
N GLN A 12 2.29 -2.75 -13.18
CA GLN A 12 2.75 -2.52 -11.81
C GLN A 12 3.23 -3.87 -11.25
N PRO A 13 4.29 -4.45 -11.87
CA PRO A 13 4.66 -5.85 -11.61
C PRO A 13 5.29 -6.15 -10.25
N TRP A 14 5.52 -5.13 -9.45
CA TRP A 14 5.92 -5.28 -8.06
C TRP A 14 4.73 -5.38 -7.11
N PHE A 15 3.52 -5.19 -7.62
CA PHE A 15 2.35 -5.15 -6.74
C PHE A 15 2.09 -6.52 -6.13
N ALA A 16 1.93 -6.54 -4.81
CA ALA A 16 1.69 -7.77 -4.07
C ALA A 16 0.28 -7.73 -3.51
N ALA A 17 -0.44 -8.84 -3.67
CA ALA A 17 -1.80 -8.98 -3.13
C ALA A 17 -1.74 -9.88 -1.89
N ILE A 18 -2.12 -9.31 -0.75
CA ILE A 18 -2.00 -9.97 0.55
C ILE A 18 -3.37 -10.36 1.10
N TYR A 19 -3.54 -11.64 1.37
CA TYR A 19 -4.75 -12.22 1.90
C TYR A 19 -4.57 -12.91 3.30
N ARG A 20 -5.68 -13.11 3.99
CA ARG A 20 -5.64 -13.83 5.26
C ARG A 20 -6.56 -15.02 5.30
N ARG A 21 -6.09 -16.15 5.77
CA ARG A 21 -6.98 -17.29 5.92
C ARG A 21 -7.72 -17.21 7.21
N HIS A 22 -8.95 -17.67 7.21
CA HIS A 22 -9.69 -17.82 8.43
C HIS A 22 -9.95 -19.29 8.81
N ARG A 23 -9.65 -19.60 10.06
CA ARG A 23 -10.31 -20.60 10.90
C ARG A 23 -11.67 -20.92 10.39
N GLY A 24 -11.77 -22.05 9.73
CA GLY A 24 -12.94 -22.36 8.94
C GLY A 24 -12.44 -22.51 7.52
N GLY A 25 -11.65 -21.55 7.11
CA GLY A 25 -10.89 -21.72 5.89
C GLY A 25 -11.18 -20.77 4.79
N SER A 26 -12.06 -19.80 5.01
CA SER A 26 -12.25 -18.79 3.96
C SER A 26 -10.97 -17.94 3.86
N VAL A 27 -10.75 -17.27 2.74
CA VAL A 27 -9.62 -16.39 2.57
C VAL A 27 -10.15 -15.07 2.09
N THR A 28 -9.68 -13.97 2.63
CA THR A 28 -10.19 -12.67 2.31
C THR A 28 -9.02 -11.77 2.03
N TYR A 29 -9.22 -10.81 1.16
CA TYR A 29 -8.20 -9.81 0.83
C TYR A 29 -7.92 -8.90 2.02
N VAL A 30 -6.67 -8.57 2.24
CA VAL A 30 -6.26 -7.74 3.36
C VAL A 30 -5.80 -6.38 2.85
N CYS A 31 -4.73 -6.38 2.05
CA CYS A 31 -4.03 -5.17 1.69
C CYS A 31 -3.13 -5.45 0.52
N GLY A 32 -2.68 -4.37 -0.10
CA GLY A 32 -1.63 -4.40 -1.11
C GLY A 32 -0.25 -4.33 -0.49
N GLY A 33 0.76 -4.44 -1.34
CA GLY A 33 2.15 -4.37 -0.92
C GLY A 33 3.01 -4.20 -2.17
N SER A 34 4.32 -4.05 -1.97
CA SER A 34 5.26 -3.83 -3.06
C SER A 34 6.49 -4.71 -2.87
N LEU A 35 6.87 -5.42 -3.93
CA LEU A 35 8.05 -6.26 -3.92
C LEU A 35 9.27 -5.38 -4.05
N ILE A 36 10.14 -5.37 -3.04
CA ILE A 36 11.32 -4.51 -3.04
C ILE A 36 12.60 -5.33 -3.22
N SER A 37 12.51 -6.63 -2.99
CA SER A 37 13.54 -7.58 -3.39
C SER A 37 12.89 -8.94 -3.53
N PRO A 38 13.61 -9.93 -4.11
CA PRO A 38 12.98 -11.22 -4.34
C PRO A 38 12.28 -11.83 -3.12
N CYS A 39 12.83 -11.65 -1.92
CA CYS A 39 12.24 -12.25 -0.72
C CYS A 39 11.41 -11.30 0.14
N TRP A 40 11.30 -10.03 -0.24
CA TRP A 40 10.73 -9.02 0.66
C TRP A 40 9.63 -8.16 0.03
N VAL A 41 8.48 -8.14 0.71
CA VAL A 41 7.38 -7.27 0.33
C VAL A 41 7.16 -6.23 1.42
N ILE A 42 6.94 -4.99 1.02
CA ILE A 42 6.75 -3.91 1.97
C ILE A 42 5.30 -3.46 1.92
N SER A 43 4.72 -3.20 3.09
CA SER A 43 3.30 -2.90 3.19
C SER A 43 3.09 -1.96 4.39
N ALA A 44 1.87 -1.93 4.93
CA ALA A 44 1.55 -1.08 6.08
C ALA A 44 1.27 -1.91 7.35
N THR A 45 1.78 -1.47 8.49
CA THR A 45 1.58 -2.22 9.76
C THR A 45 0.09 -2.33 10.10
N HIS A 46 -0.71 -1.31 9.80
CA HIS A 46 -2.13 -1.37 10.20
C HIS A 46 -2.90 -2.50 9.54
N CYS A 47 -2.38 -3.00 8.41
CA CYS A 47 -2.96 -4.15 7.73
C CYS A 47 -2.94 -5.43 8.57
N PHE A 48 -2.01 -5.50 9.50
CA PHE A 48 -1.75 -6.69 10.27
C PHE A 48 -1.95 -6.64 11.80
N ILE A 49 -2.00 -5.43 12.31
CA ILE A 49 -1.83 -5.14 13.69
C ILE A 49 -2.81 -5.92 14.51
N ASP A 50 -4.01 -6.07 14.00
CA ASP A 50 -5.08 -6.82 14.65
C ASP A 50 -4.98 -8.34 14.64
N TYR A 51 -4.32 -8.88 13.62
CA TYR A 51 -4.15 -10.30 13.47
C TYR A 51 -2.71 -10.54 13.10
N PRO A 52 -1.80 -10.44 14.16
CA PRO A 52 -0.39 -10.38 13.74
C PRO A 52 0.31 -11.71 13.53
N LYS A 53 -0.42 -12.79 13.49
CA LYS A 53 0.15 -14.09 13.27
C LYS A 53 0.52 -14.35 11.79
N LYS A 54 1.79 -14.56 11.52
CA LYS A 54 2.33 -14.71 10.17
C LYS A 54 1.77 -15.88 9.41
N GLU A 55 1.46 -16.97 10.09
CA GLU A 55 0.92 -18.14 9.41
C GLU A 55 -0.46 -17.92 8.76
N ASP A 56 -1.13 -16.87 9.15
CA ASP A 56 -2.46 -16.63 8.65
C ASP A 56 -2.48 -16.04 7.26
N TYR A 57 -1.36 -15.53 6.77
CA TYR A 57 -1.30 -14.71 5.57
C TYR A 57 -0.75 -15.43 4.36
N ILE A 58 -1.26 -15.05 3.22
CA ILE A 58 -0.84 -15.55 1.92
C ILE A 58 -0.53 -14.33 1.05
N VAL A 59 0.57 -14.38 0.32
CA VAL A 59 0.93 -13.31 -0.59
C VAL A 59 1.02 -13.84 -2.02
N TYR A 60 0.37 -13.14 -2.95
CA TYR A 60 0.49 -13.45 -4.38
C TYR A 60 1.23 -12.35 -5.08
N LEU A 61 2.09 -12.75 -6.01
CA LEU A 61 2.69 -11.85 -6.99
C LEU A 61 2.21 -12.22 -8.39
N GLY A 62 2.27 -11.26 -9.32
CA GLY A 62 1.82 -11.50 -10.68
C GLY A 62 0.33 -11.63 -10.85
N ARG A 63 -0.42 -11.04 -9.91
CA ARG A 63 -1.88 -11.15 -9.89
C ARG A 63 -2.57 -9.88 -10.38
N SER A 64 -3.43 -10.02 -11.38
CA SER A 64 -4.21 -8.91 -11.93
C SER A 64 -5.67 -8.91 -11.44
N ARG A 65 -6.14 -10.03 -10.89
CA ARG A 65 -7.54 -10.15 -10.44
C ARG A 65 -7.61 -10.63 -9.01
N LEU A 66 -8.68 -10.23 -8.32
CA LEU A 66 -8.74 -10.37 -6.87
C LEU A 66 -9.04 -11.81 -6.43
N ASN A 67 -9.99 -12.46 -7.09
CA ASN A 67 -10.47 -13.77 -6.64
C ASN A 67 -10.48 -14.81 -7.74
N SER A 68 -9.57 -14.66 -8.69
CA SER A 68 -9.36 -15.68 -9.70
C SER A 68 -7.88 -15.68 -10.04
N ASN A 69 -7.38 -16.79 -10.56
CA ASN A 69 -5.95 -16.92 -10.82
C ASN A 69 -5.55 -16.14 -12.06
N THR A 70 -4.36 -15.53 -12.02
CA THR A 70 -3.77 -14.89 -13.18
C THR A 70 -2.66 -15.80 -13.65
N GLN A 71 -2.61 -16.07 -14.95
CA GLN A 71 -1.59 -16.95 -15.51
C GLN A 71 -0.22 -16.37 -15.18
N GLY A 72 0.67 -17.20 -14.63
CA GLY A 72 2.00 -16.78 -14.22
C GLY A 72 2.14 -16.33 -12.78
N GLU A 73 1.04 -16.31 -12.04
CA GLU A 73 1.12 -15.81 -10.65
C GLU A 73 1.97 -16.75 -9.76
N MET A 74 2.47 -16.20 -8.66
CA MET A 74 3.13 -17.02 -7.64
C MET A 74 2.57 -16.72 -6.26
N LYS A 75 2.38 -17.76 -5.46
CA LYS A 75 1.77 -17.73 -4.14
C LYS A 75 2.85 -18.01 -3.10
N PHE A 76 2.84 -17.24 -2.02
CA PHE A 76 3.86 -17.31 -0.98
C PHE A 76 3.25 -17.33 0.40
N GLU A 77 3.94 -18.02 1.30
CA GLU A 77 3.69 -17.94 2.71
C GLU A 77 4.58 -16.86 3.27
N VAL A 78 4.26 -16.45 4.50
CA VAL A 78 4.99 -15.38 5.14
C VAL A 78 5.92 -15.98 6.18
N GLU A 79 7.18 -16.01 5.81
CA GLU A 79 8.26 -16.42 6.68
C GLU A 79 8.50 -15.53 7.90
N ASN A 80 8.47 -14.24 7.67
CA ASN A 80 8.66 -13.25 8.70
C ASN A 80 7.64 -12.17 8.51
N LEU A 81 6.98 -11.73 9.55
CA LEU A 81 6.12 -10.58 9.46
C LEU A 81 6.61 -9.56 10.47
N ILE A 82 7.13 -8.47 9.96
CA ILE A 82 7.81 -7.46 10.77
C ILE A 82 7.00 -6.18 10.80
N LEU A 83 6.48 -5.85 11.98
CA LEU A 83 5.68 -4.64 12.15
C LEU A 83 6.56 -3.59 12.81
N HIS A 84 6.28 -2.31 12.58
CA HIS A 84 7.13 -1.25 13.12
C HIS A 84 6.82 -1.05 14.61
N LYS A 85 7.87 -1.22 15.43
CA LYS A 85 7.77 -1.10 16.91
C LYS A 85 7.10 0.19 17.38
N ASP A 86 7.33 1.28 16.64
CA ASP A 86 6.76 2.59 17.00
C ASP A 86 5.42 2.93 16.35
N TYR A 87 4.75 1.93 15.83
CA TYR A 87 3.47 2.17 15.21
C TYR A 87 2.54 2.76 16.22
N SER A 88 1.70 3.68 15.82
CA SER A 88 0.57 4.10 16.61
C SER A 88 -0.57 4.68 15.79
N ALA A 89 -1.77 4.60 16.31
CA ALA A 89 -2.87 5.10 15.60
C ALA A 89 -3.85 5.84 16.48
N ASP A 90 -4.44 6.90 15.96
CA ASP A 90 -5.42 7.65 16.71
C ASP A 90 -6.70 7.60 15.98
N THR A 91 -7.52 8.64 16.17
CA THR A 91 -8.81 8.79 15.55
C THR A 91 -8.50 8.72 14.09
N LEU A 92 -7.40 9.37 13.68
CA LEU A 92 -7.12 9.37 12.27
C LEU A 92 -5.81 8.81 11.85
N ALA A 93 -4.72 9.41 12.29
CA ALA A 93 -3.45 9.14 11.71
C ALA A 93 -2.92 7.80 12.14
N HIS A 94 -2.22 7.16 11.22
CA HIS A 94 -1.46 6.00 11.55
C HIS A 94 0.01 6.39 11.42
N HIS A 95 0.74 6.28 12.52
CA HIS A 95 2.13 6.63 12.58
C HIS A 95 3.05 5.44 12.38
N ASN A 96 4.15 5.66 11.69
CA ASN A 96 5.06 4.55 11.37
C ASN A 96 4.31 3.36 10.76
N ASP A 97 3.51 3.64 9.75
CA ASP A 97 2.61 2.63 9.20
C ASP A 97 3.36 1.92 8.08
N ILE A 98 4.27 1.04 8.50
CA ILE A 98 5.15 0.35 7.58
C ILE A 98 5.41 -1.05 8.12
N ALA A 99 5.46 -2.02 7.22
CA ALA A 99 5.63 -3.42 7.58
C ALA A 99 6.39 -4.12 6.49
N LEU A 100 7.10 -5.17 6.86
CA LEU A 100 7.87 -5.98 5.94
C LEU A 100 7.43 -7.42 6.05
N LEU A 101 7.21 -8.06 4.91
CA LEU A 101 6.87 -9.48 4.83
C LEU A 101 7.97 -10.20 4.05
N LYS A 102 8.65 -11.15 4.71
CA LYS A 102 9.60 -12.01 4.02
C LYS A 102 8.80 -13.16 3.47
N ILE A 103 8.88 -13.36 2.17
CA ILE A 103 8.06 -14.35 1.48
C ILE A 103 8.82 -15.62 1.12
N ARG A 104 8.15 -16.74 1.23
CA ARG A 104 8.71 -18.01 0.83
C ARG A 104 7.64 -18.99 0.35
N SER A 105 7.86 -19.64 -0.78
CA SER A 105 6.95 -20.63 -1.34
C SER A 105 6.98 -21.92 -0.59
N LYS A 106 6.03 -22.79 -0.88
CA LYS A 106 5.99 -24.12 -0.28
C LYS A 106 7.23 -24.90 -0.70
N GLU A 107 7.82 -24.48 -1.80
CA GLU A 107 9.02 -25.05 -2.39
C GLU A 107 10.25 -24.29 -1.95
N GLY A 108 10.05 -23.41 -1.00
CA GLY A 108 11.11 -22.71 -0.31
C GLY A 108 11.80 -21.61 -1.06
N ARG A 109 11.13 -21.07 -2.06
CA ARG A 109 11.75 -20.06 -2.87
C ARG A 109 11.17 -18.64 -2.70
N CYS A 110 11.99 -17.66 -3.00
CA CYS A 110 11.63 -16.26 -3.04
C CYS A 110 10.99 -15.99 -4.44
N ALA A 111 10.76 -14.72 -4.81
CA ALA A 111 10.16 -14.37 -6.10
C ALA A 111 11.15 -14.60 -7.24
N GLN A 112 10.67 -15.22 -8.31
CA GLN A 112 11.36 -15.29 -9.58
C GLN A 112 10.85 -14.19 -10.54
N PRO A 113 11.67 -13.18 -10.84
CA PRO A 113 11.23 -12.12 -11.74
C PRO A 113 10.80 -12.63 -13.12
N SER A 114 9.68 -12.10 -13.62
CA SER A 114 9.12 -12.47 -14.92
C SER A 114 8.49 -11.25 -15.59
N ARG A 115 7.72 -11.47 -16.66
CA ARG A 115 7.00 -10.38 -17.31
C ARG A 115 5.98 -9.78 -16.34
N THR A 116 5.50 -10.57 -15.38
CA THR A 116 4.44 -10.12 -14.46
C THR A 116 4.92 -9.86 -13.03
N ILE A 117 6.22 -10.06 -12.79
CA ILE A 117 6.76 -9.96 -11.44
C ILE A 117 8.15 -9.31 -11.51
N GLN A 118 8.27 -8.11 -10.96
CA GLN A 118 9.53 -7.36 -10.90
C GLN A 118 9.58 -6.62 -9.58
N THR A 119 10.76 -6.16 -9.21
CA THR A 119 10.93 -5.35 -8.00
C THR A 119 10.81 -3.87 -8.33
N ILE A 120 10.54 -3.07 -7.31
CA ILE A 120 10.54 -1.62 -7.41
C ILE A 120 11.66 -1.04 -6.53
N ALA A 121 12.38 -0.08 -7.10
CA ALA A 121 13.44 0.62 -6.39
C ALA A 121 12.95 1.49 -5.22
N LEU A 122 13.75 1.52 -4.15
CA LEU A 122 13.52 2.42 -3.04
C LEU A 122 14.06 3.78 -3.43
N PRO A 123 13.49 4.86 -2.85
CA PRO A 123 14.07 6.17 -3.11
C PRO A 123 15.41 6.33 -2.41
N SER A 124 16.15 7.37 -2.78
CA SER A 124 17.30 7.76 -2.00
C SER A 124 16.81 8.54 -0.79
N MET A 125 17.57 8.37 0.28
CA MET A 125 17.39 9.03 1.56
C MET A 125 16.87 10.48 1.50
N TYR A 126 15.74 10.74 2.15
CA TYR A 126 15.20 12.09 2.31
C TYR A 126 15.04 12.85 0.98
N ASN A 127 14.94 12.11 -0.12
CA ASN A 127 14.81 12.69 -1.45
C ASN A 127 13.45 12.32 -2.03
N ASP A 128 12.55 13.30 -2.07
CA ASP A 128 11.22 13.14 -2.62
C ASP A 128 10.97 14.20 -3.71
N PRO A 129 10.12 13.86 -4.70
CA PRO A 129 9.80 14.87 -5.71
C PRO A 129 9.07 16.06 -5.10
N GLN A 130 9.01 17.16 -5.84
CA GLN A 130 8.45 18.41 -5.32
C GLN A 130 6.93 18.32 -5.32
N PHE A 131 6.27 19.11 -4.48
CA PHE A 131 4.81 19.11 -4.47
C PHE A 131 4.29 19.49 -5.85
N GLY A 132 3.12 18.97 -6.20
CA GLY A 132 2.58 19.11 -7.53
C GLY A 132 3.08 18.07 -8.52
N THR A 133 4.07 17.27 -8.15
CA THR A 133 4.47 16.12 -8.93
C THR A 133 3.32 15.09 -8.99
N SER A 134 3.08 14.55 -10.18
CA SER A 134 2.09 13.49 -10.39
C SER A 134 2.71 12.15 -10.10
N CYS A 135 2.01 11.35 -9.31
CA CYS A 135 2.44 9.97 -9.00
C CYS A 135 1.27 9.02 -9.19
N GLU A 136 1.57 7.73 -9.21
CA GLU A 136 0.53 6.74 -9.43
C GLU A 136 0.28 5.93 -8.17
N ILE A 137 -0.97 5.50 -8.01
CA ILE A 137 -1.35 4.57 -6.95
C ILE A 137 -2.08 3.37 -7.58
N THR A 138 -1.91 2.22 -6.96
CA THR A 138 -2.44 0.96 -7.48
C THR A 138 -3.05 0.13 -6.36
N GLY A 139 -4.17 -0.51 -6.66
CA GLY A 139 -4.78 -1.38 -5.68
C GLY A 139 -6.11 -2.01 -6.08
N PHE A 140 -6.58 -2.90 -5.21
CA PHE A 140 -7.85 -3.65 -5.37
C PHE A 140 -8.92 -3.07 -4.43
N GLY A 141 -8.67 -1.87 -3.90
CA GLY A 141 -9.59 -1.23 -2.95
C GLY A 141 -10.87 -0.74 -3.60
N LYS A 142 -11.83 -0.30 -2.77
CA LYS A 142 -13.15 0.09 -3.28
C LYS A 142 -13.10 1.15 -4.37
N GLU A 143 -14.02 1.05 -5.31
CA GLU A 143 -14.22 2.03 -6.39
C GLU A 143 -15.12 3.20 -5.99
N GLN A 144 -15.85 3.01 -4.90
CA GLN A 144 -16.70 4.05 -4.31
C GLN A 144 -16.73 3.86 -2.81
N SER A 145 -16.78 4.97 -2.06
CA SER A 145 -16.73 4.88 -0.60
C SER A 145 -17.86 4.00 -0.06
N THR A 146 -19.03 4.08 -0.69
CA THR A 146 -20.22 3.32 -0.25
C THR A 146 -20.28 1.87 -0.74
N ASP A 147 -19.33 1.45 -1.59
CA ASP A 147 -19.37 0.08 -2.12
C ASP A 147 -19.21 -0.92 -1.00
N TYR A 148 -19.91 -2.03 -1.16
CA TYR A 148 -19.76 -3.17 -0.28
C TYR A 148 -18.65 -4.09 -0.79
N LEU A 149 -18.51 -4.21 -2.11
CA LEU A 149 -17.54 -5.12 -2.71
C LEU A 149 -16.27 -4.37 -3.12
N TYR A 150 -15.18 -5.14 -3.25
CA TYR A 150 -13.96 -4.67 -3.89
C TYR A 150 -14.03 -5.04 -5.37
N PRO A 151 -13.36 -4.25 -6.23
CA PRO A 151 -13.32 -4.61 -7.64
C PRO A 151 -12.55 -5.91 -7.84
N GLU A 152 -12.94 -6.66 -8.86
CA GLU A 152 -12.28 -7.91 -9.18
C GLU A 152 -10.98 -7.69 -9.99
N GLN A 153 -10.87 -6.53 -10.61
CA GLN A 153 -9.76 -6.20 -11.51
C GLN A 153 -8.94 -5.10 -10.90
N LEU A 154 -7.62 -5.22 -10.97
CA LEU A 154 -6.70 -4.23 -10.45
C LEU A 154 -6.94 -2.87 -11.09
N LYS A 155 -6.76 -1.81 -10.31
CA LYS A 155 -6.90 -0.44 -10.79
C LYS A 155 -5.69 0.39 -10.45
N MET A 156 -5.53 1.50 -11.19
CA MET A 156 -4.58 2.52 -10.82
C MET A 156 -5.10 3.90 -11.19
N THR A 157 -4.51 4.90 -10.57
CA THR A 157 -4.83 6.28 -10.87
C THR A 157 -3.64 7.16 -10.59
N VAL A 158 -3.81 8.43 -10.87
CA VAL A 158 -2.79 9.45 -10.69
C VAL A 158 -3.30 10.47 -9.69
N VAL A 159 -2.43 10.81 -8.74
CA VAL A 159 -2.68 11.88 -7.78
C VAL A 159 -1.44 12.75 -7.71
N LYS A 160 -1.61 13.99 -7.24
CA LYS A 160 -0.49 14.93 -7.12
C LYS A 160 -0.04 15.12 -5.68
N LEU A 161 1.28 15.14 -5.51
CA LEU A 161 1.88 15.37 -4.21
C LEU A 161 1.51 16.76 -3.70
N ILE A 162 1.14 16.81 -2.45
CA ILE A 162 0.68 18.01 -1.80
C ILE A 162 1.72 18.41 -0.76
N SER A 163 1.96 19.69 -0.62
CA SER A 163 2.91 20.15 0.38
C SER A 163 2.40 19.82 1.76
N HIS A 164 3.35 19.62 2.60
CA HIS A 164 3.24 19.44 4.04
C HIS A 164 2.46 20.61 4.58
N ARG A 165 2.75 21.78 4.07
CA ARG A 165 2.14 22.98 4.54
C ARG A 165 0.69 23.05 4.29
N GLU A 166 0.30 22.67 3.09
CA GLU A 166 -1.07 22.59 2.71
C GLU A 166 -1.77 21.51 3.50
N CYS A 167 -1.10 20.40 3.68
CA CYS A 167 -1.78 19.25 4.30
C CYS A 167 -1.97 19.44 5.79
N GLN A 168 -1.16 20.30 6.38
CA GLN A 168 -1.21 20.59 7.78
C GLN A 168 -2.17 21.72 8.11
N GLN A 169 -2.80 22.29 7.10
CA GLN A 169 -3.83 23.29 7.33
C GLN A 169 -4.93 22.65 8.13
N PRO A 170 -5.52 23.48 9.10
CA PRO A 170 -6.57 22.82 9.89
C PRO A 170 -7.72 22.24 9.11
N HIS A 171 -8.15 22.84 8.00
CA HIS A 171 -9.26 22.27 7.27
C HIS A 171 -8.89 20.96 6.56
N TYR A 172 -7.60 20.68 6.47
CA TYR A 172 -7.11 19.42 5.98
C TYR A 172 -6.93 18.47 7.17
N TYR A 173 -5.70 18.16 7.52
CA TYR A 173 -5.48 17.28 8.65
C TYR A 173 -4.73 17.88 9.82
N GLY A 174 -4.40 19.15 9.77
CA GLY A 174 -3.67 19.72 10.88
C GLY A 174 -2.39 18.97 11.13
N SER A 175 -2.10 18.71 12.39
CA SER A 175 -0.84 18.11 12.76
C SER A 175 -0.86 16.60 12.75
N GLU A 176 -1.98 16.02 12.34
CA GLU A 176 -2.06 14.57 12.20
C GLU A 176 -1.03 14.11 11.19
N VAL A 177 -0.74 14.93 10.20
CA VAL A 177 0.29 14.62 9.21
C VAL A 177 1.66 15.07 9.71
N THR A 178 2.61 14.18 9.69
CA THR A 178 3.95 14.47 10.10
C THR A 178 4.93 14.40 8.94
N THR A 179 6.17 14.73 9.18
CA THR A 179 7.22 14.67 8.18
C THR A 179 7.55 13.27 7.68
N LYS A 180 7.13 12.27 8.41
CA LYS A 180 7.24 10.90 7.98
C LYS A 180 6.08 10.45 7.07
N MET A 181 5.19 11.35 6.75
CA MET A 181 4.08 11.04 5.86
C MET A 181 4.11 11.95 4.63
N LEU A 182 3.42 11.53 3.58
CA LEU A 182 3.22 12.37 2.38
C LEU A 182 1.74 12.41 2.05
N CYS A 183 1.24 13.60 1.70
CA CYS A 183 -0.13 13.75 1.23
C CYS A 183 -0.15 13.81 -0.29
N ALA A 184 -1.21 13.25 -0.88
CA ALA A 184 -1.43 13.33 -2.32
C ALA A 184 -2.91 13.31 -2.64
N ALA A 185 -3.31 14.08 -3.64
CA ALA A 185 -4.70 14.22 -3.98
C ALA A 185 -4.91 14.66 -5.42
N ASP A 186 -6.13 14.52 -5.87
CA ASP A 186 -6.53 15.01 -7.15
C ASP A 186 -6.97 16.47 -6.98
N PRO A 187 -6.56 17.34 -8.01
CA PRO A 187 -6.95 18.74 -7.79
C PRO A 187 -8.45 18.90 -7.65
N GLN A 188 -9.24 18.10 -8.34
CA GLN A 188 -10.68 18.13 -8.19
C GLN A 188 -11.24 17.15 -7.15
N TRP A 189 -10.36 16.44 -6.48
CA TRP A 189 -10.74 15.43 -5.53
C TRP A 189 -11.52 14.33 -6.22
N LYS A 190 -11.35 14.12 -7.50
CA LYS A 190 -12.19 13.15 -8.18
C LYS A 190 -11.68 11.70 -8.20
N THR A 191 -10.43 11.50 -7.84
CA THR A 191 -9.79 10.19 -7.81
C THR A 191 -8.89 10.07 -6.57
N ASP A 192 -8.79 8.88 -6.03
CA ASP A 192 -8.12 8.64 -4.76
C ASP A 192 -7.91 7.14 -4.50
N SER A 193 -7.11 6.84 -3.51
CA SER A 193 -7.12 5.51 -2.92
C SER A 193 -8.32 5.39 -1.96
N CYS A 194 -8.68 4.16 -1.60
CA CYS A 194 -9.79 3.95 -0.66
C CYS A 194 -9.55 2.66 0.12
N GLN A 195 -10.54 2.26 0.90
CA GLN A 195 -10.43 1.08 1.77
C GLN A 195 -10.07 -0.12 0.91
N GLY A 196 -9.09 -0.88 1.36
CA GLY A 196 -8.53 -1.99 0.58
C GLY A 196 -7.27 -1.65 -0.23
N ASP A 197 -6.99 -0.36 -0.44
CA ASP A 197 -5.75 0.04 -1.13
C ASP A 197 -4.56 0.17 -0.18
N ALA A 198 -4.80 0.15 1.13
CA ALA A 198 -3.73 0.36 2.09
C ALA A 198 -2.62 -0.64 1.85
N GLY A 199 -1.40 -0.21 2.11
CA GLY A 199 -0.20 -1.05 1.94
C GLY A 199 0.35 -1.02 0.53
N GLY A 200 -0.44 -0.55 -0.43
CA GLY A 200 -0.03 -0.53 -1.82
C GLY A 200 0.88 0.63 -2.18
N PRO A 201 1.39 0.66 -3.43
CA PRO A 201 2.43 1.60 -3.81
C PRO A 201 1.94 2.98 -4.28
N LEU A 202 2.59 4.02 -3.77
CA LEU A 202 2.61 5.34 -4.39
C LEU A 202 3.94 5.45 -5.11
N VAL A 203 3.88 5.57 -6.44
CA VAL A 203 5.09 5.53 -7.27
C VAL A 203 5.23 6.84 -8.03
N CYS A 204 6.39 7.44 -7.88
CA CYS A 204 6.74 8.65 -8.58
C CYS A 204 8.00 8.41 -9.43
N SER A 205 8.11 9.19 -10.49
CA SER A 205 9.29 9.16 -11.33
C SER A 205 10.28 10.14 -10.73
N LEU A 206 11.46 9.64 -10.38
CA LEU A 206 12.43 10.40 -9.61
C LEU A 206 13.82 10.17 -10.20
N GLN A 207 14.42 11.25 -10.71
CA GLN A 207 15.64 11.17 -11.53
C GLN A 207 15.49 10.19 -12.71
N GLY A 208 14.33 10.22 -13.36
CA GLY A 208 14.05 9.36 -14.51
C GLY A 208 14.01 7.87 -14.20
N ARG A 209 13.71 7.53 -12.94
CA ARG A 209 13.52 6.15 -12.52
C ARG A 209 12.24 6.11 -11.70
N MET A 210 11.53 4.99 -11.75
CA MET A 210 10.33 4.83 -10.92
C MET A 210 10.73 4.34 -9.53
N THR A 211 10.11 4.96 -8.53
CA THR A 211 10.60 4.89 -7.16
C THR A 211 9.41 4.68 -6.24
N LEU A 212 9.57 3.81 -5.25
CA LEU A 212 8.51 3.61 -4.26
C LEU A 212 8.50 4.76 -3.24
N THR A 213 7.83 5.84 -3.62
CA THR A 213 7.82 7.07 -2.82
C THR A 213 6.95 6.95 -1.55
N GLY A 214 5.88 6.19 -1.65
CA GLY A 214 4.96 6.07 -0.53
C GLY A 214 4.24 4.74 -0.45
N ILE A 215 3.59 4.53 0.68
CA ILE A 215 2.77 3.36 0.93
C ILE A 215 1.41 3.87 1.39
N VAL A 216 0.34 3.38 0.77
CA VAL A 216 -1.01 3.83 1.11
C VAL A 216 -1.23 3.53 2.59
N SER A 217 -1.60 4.55 3.37
CA SER A 217 -1.75 4.41 4.81
C SER A 217 -3.15 4.80 5.30
N TRP A 218 -3.52 6.08 5.20
CA TRP A 218 -4.79 6.55 5.75
C TRP A 218 -5.39 7.76 5.05
N GLY A 219 -6.59 8.14 5.47
CA GLY A 219 -7.26 9.34 5.06
C GLY A 219 -8.65 9.39 5.66
N ARG A 220 -9.31 10.50 5.54
CA ARG A 220 -10.69 10.63 5.97
C ARG A 220 -11.58 10.47 4.75
N GLY A 221 -12.41 9.45 4.76
CA GLY A 221 -13.21 9.14 3.60
C GLY A 221 -12.32 8.76 2.43
N CYS A 222 -12.84 8.93 1.23
CA CYS A 222 -12.09 8.72 0.02
C CYS A 222 -12.48 9.77 -1.05
N ALA A 223 -11.55 10.33 -1.80
CA ALA A 223 -11.88 11.30 -2.83
C ALA A 223 -12.85 12.32 -2.25
N LEU A 224 -12.46 12.84 -1.10
CA LEU A 224 -13.20 13.82 -0.33
C LEU A 224 -12.53 15.18 -0.35
N LYS A 225 -13.29 16.24 -0.58
CA LYS A 225 -12.70 17.56 -0.69
C LYS A 225 -11.99 17.90 0.61
N ASP A 226 -10.77 18.41 0.48
CA ASP A 226 -9.89 18.82 1.54
C ASP A 226 -9.34 17.68 2.40
N LYS A 227 -9.38 16.47 1.90
CA LYS A 227 -8.99 15.32 2.69
C LYS A 227 -8.15 14.42 1.83
N PRO A 228 -6.88 14.75 1.66
CA PRO A 228 -6.03 13.95 0.79
C PRO A 228 -5.79 12.53 1.29
N GLY A 229 -5.27 11.68 0.41
CA GLY A 229 -4.73 10.41 0.84
C GLY A 229 -3.42 10.66 1.57
N VAL A 230 -3.15 9.87 2.59
CA VAL A 230 -1.91 10.01 3.35
C VAL A 230 -1.10 8.74 3.21
N TYR A 231 0.19 8.92 2.97
CA TYR A 231 1.08 7.85 2.58
C TYR A 231 2.28 7.85 3.50
N THR A 232 2.77 6.67 3.83
CA THR A 232 4.01 6.57 4.59
C THR A 232 5.14 7.00 3.67
N ARG A 233 6.00 7.89 4.16
CA ARG A 233 7.07 8.49 3.37
C ARG A 233 8.30 7.58 3.39
N VAL A 234 8.43 6.74 2.37
CA VAL A 234 9.40 5.65 2.37
C VAL A 234 10.83 6.17 2.55
N SER A 235 11.15 7.32 1.96
CA SER A 235 12.50 7.90 2.01
C SER A 235 12.95 8.30 3.42
N HIS A 236 12.03 8.27 4.38
CA HIS A 236 12.33 8.53 5.79
C HIS A 236 12.45 7.26 6.62
N PHE A 237 12.35 6.08 5.99
CA PHE A 237 12.41 4.81 6.74
C PHE A 237 13.50 3.88 6.25
N LEU A 238 14.44 4.41 5.48
CA LEU A 238 15.43 3.54 4.85
C LEU A 238 16.32 2.79 5.84
N PRO A 239 16.71 3.43 6.95
CA PRO A 239 17.49 2.64 7.92
C PRO A 239 16.69 1.48 8.48
N TRP A 240 15.43 1.74 8.83
CA TRP A 240 14.55 0.69 9.35
C TRP A 240 14.42 -0.46 8.34
N ILE A 241 14.26 -0.12 7.05
CA ILE A 241 14.06 -1.13 6.02
C ILE A 241 15.33 -1.96 5.85
N ARG A 242 16.46 -1.28 5.68
CA ARG A 242 17.76 -1.94 5.54
C ARG A 242 18.09 -2.79 6.76
N SER A 243 17.92 -2.23 7.95
CA SER A 243 18.22 -2.96 9.18
C SER A 243 17.40 -4.24 9.24
N HIS A 244 16.14 -4.19 8.81
CA HIS A 244 15.25 -5.35 8.92
C HIS A 244 15.29 -6.31 7.74
N THR A 245 16.00 -5.96 6.67
CA THR A 245 16.16 -6.87 5.53
C THR A 245 17.58 -7.41 5.34
N LYS A 246 18.58 -6.76 5.95
CA LYS A 246 20.01 -7.17 5.86
C LYS A 246 20.22 -8.66 5.57
N CYS B 1 -15.40 2.27 9.69
CA CYS B 1 -15.04 0.93 9.12
C CYS B 1 -15.26 0.88 7.61
N SER B 2 -15.07 2.01 6.95
CA SER B 2 -15.11 2.12 5.50
C SER B 2 -14.01 3.09 5.05
N ALA B 3 -12.81 2.88 5.60
CA ALA B 3 -11.72 3.84 5.48
C ALA B 3 -10.37 3.16 5.38
N ARG B 4 -9.41 3.87 4.81
CA ARG B 4 -8.05 3.44 4.89
C ARG B 4 -7.58 3.61 6.33
N GLY B 5 -6.96 2.59 6.88
CA GLY B 5 -6.62 2.52 8.28
C GLY B 5 -7.33 1.35 8.95
N LEU B 6 -8.49 0.99 8.44
CA LEU B 6 -9.28 -0.06 9.08
C LEU B 6 -9.36 -1.37 8.29
N GLU B 7 -8.50 -1.55 7.30
CA GLU B 7 -8.49 -2.85 6.63
C GLU B 7 -8.05 -3.94 7.59
N ASN B 8 -8.70 -5.10 7.50
CA ASN B 8 -8.35 -6.23 8.35
C ASN B 8 -8.37 -5.90 9.86
N HIS B 9 -9.39 -5.17 10.30
CA HIS B 9 -9.53 -4.81 11.71
C HIS B 9 -10.63 -5.60 12.40
N ALA B 10 -10.33 -6.08 13.60
CA ALA B 10 -11.25 -6.90 14.38
C ALA B 10 -12.42 -6.06 14.86
N ALA B 11 -12.10 -4.91 15.45
CA ALA B 11 -13.12 -3.98 15.97
C ALA B 11 -14.23 -3.72 14.96
N CYS B 12 -13.87 -3.71 13.67
CA CYS B 12 -14.83 -3.62 12.58
C CYS B 12 -15.53 -4.96 12.32
#